data_4LOR
#
_entry.id   4LOR
#
_cell.length_a   71.353
_cell.length_b   71.173
_cell.length_c   98.393
_cell.angle_alpha   90.000
_cell.angle_beta   111.120
_cell.angle_gamma   90.000
#
_symmetry.space_group_name_H-M   'C 1 2 1'
#
loop_
_entity.id
_entity.type
_entity.pdbx_description
1 polymer 'Complement C1s subcomponent heavy chain'
2 polymer 'collagen-like peptide from C1q'
3 non-polymer 'CALCIUM ION'
4 non-polymer 'SODIUM ION'
5 non-polymer 2-acetamido-2-deoxy-beta-D-glucopyranose
6 water water
#
loop_
_entity_poly.entity_id
_entity_poly.type
_entity_poly.pdbx_seq_one_letter_code
_entity_poly.pdbx_strand_id
1 'polypeptide(L)'
;PTMYGEILSPNYPQAYPSEVEKSWDIEVPEGYGIHLYFTHLDIELSENCAYDSVQIISGDTEEGRLCGQRSSNNPHSPIV
EEFQVPYNKLQVIFKSDFSNEERFTGFAAYYVATDINECTDFVDVPCSHFCNNFIGGYFCSCPPEYFLHDDMKNCGVNCS
GDVFTALIGEIASPNYPKPYPENSRCEYQIRLEKGFQVVVTLRREDFDVEAADSAGNCLDSLVFVAGDRQFGPYCGHGFP
GPLNIETKSNALDIIFQTDLTGQKKGWKLRYHGDPM
;
A
2 'polypeptide(L)' (ACE)GP(HYP)GP(HYP)GP(HYP)GP(HYP)GKLGP(HYP)GP(HYP)GP(HYP)GP(HYP)(NH2) B,C,D
#
# COMPACT_ATOMS: atom_id res chain seq x y z
N PRO A 1 -1.31 -17.85 11.44
CA PRO A 1 -0.65 -17.35 10.23
C PRO A 1 -0.14 -18.49 9.36
N THR A 2 -0.72 -18.63 8.17
CA THR A 2 -0.34 -19.70 7.26
C THR A 2 0.06 -19.16 5.88
N MET A 3 0.62 -20.02 5.05
CA MET A 3 1.01 -19.64 3.69
C MET A 3 0.04 -20.24 2.67
N TYR A 4 -0.71 -21.25 3.10
CA TYR A 4 -1.70 -21.90 2.25
C TYR A 4 -2.72 -22.63 3.12
N GLY A 5 -3.86 -22.98 2.55
CA GLY A 5 -4.89 -23.67 3.30
C GLY A 5 -6.04 -24.21 2.48
N GLU A 6 -7.02 -24.81 3.17
CA GLU A 6 -8.14 -25.48 2.54
C GLU A 6 -9.44 -25.14 3.26
N ILE A 7 -10.48 -24.85 2.48
CA ILE A 7 -11.79 -24.53 3.04
C ILE A 7 -12.88 -25.40 2.40
N LEU A 8 -13.52 -26.23 3.22
CA LEU A 8 -14.52 -27.16 2.72
C LEU A 8 -15.87 -26.95 3.41
N SER A 9 -16.95 -27.07 2.63
CA SER A 9 -18.30 -27.00 3.18
C SER A 9 -18.53 -28.18 4.12
N PRO A 10 -19.45 -28.01 5.08
CA PRO A 10 -19.78 -29.10 6.01
C PRO A 10 -20.21 -30.38 5.29
N ASN A 11 -19.59 -31.50 5.66
CA ASN A 11 -19.90 -32.82 5.11
C ASN A 11 -19.50 -33.03 3.66
N TYR A 12 -18.65 -32.14 3.14
CA TYR A 12 -18.08 -32.30 1.80
C TYR A 12 -17.30 -33.60 1.73
N PRO A 13 -17.38 -34.34 0.60
CA PRO A 13 -18.07 -34.01 -0.65
C PRO A 13 -19.54 -34.42 -0.69
N GLN A 14 -20.12 -34.80 0.44
CA GLN A 14 -21.54 -35.13 0.50
C GLN A 14 -22.36 -33.85 0.68
N ALA A 15 -23.69 -33.99 0.70
CA ALA A 15 -24.57 -32.84 0.84
C ALA A 15 -24.44 -32.16 2.19
N TYR A 16 -24.59 -30.83 2.21
CA TYR A 16 -24.52 -30.07 3.45
C TYR A 16 -25.86 -30.04 4.17
N PRO A 17 -25.83 -29.94 5.51
CA PRO A 17 -27.05 -29.90 6.32
C PRO A 17 -27.82 -28.58 6.17
N SER A 18 -29.02 -28.53 6.72
CA SER A 18 -29.83 -27.31 6.69
C SER A 18 -29.58 -26.45 7.92
N GLU A 19 -29.88 -25.17 7.81
CA GLU A 19 -29.79 -24.23 8.94
C GLU A 19 -28.42 -24.23 9.63
N VAL A 20 -27.36 -24.13 8.84
CA VAL A 20 -26.01 -24.05 9.39
C VAL A 20 -25.37 -22.71 9.08
N GLU A 21 -24.48 -22.26 9.95
CA GLU A 21 -23.72 -21.04 9.70
C GLU A 21 -22.27 -21.24 10.15
N LYS A 22 -21.41 -21.53 9.19
CA LYS A 22 -20.01 -21.79 9.47
C LYS A 22 -19.16 -20.64 8.96
N SER A 23 -18.08 -20.34 9.67
CA SER A 23 -17.19 -19.25 9.27
C SER A 23 -15.73 -19.60 9.44
N TRP A 24 -14.91 -19.18 8.49
CA TRP A 24 -13.47 -19.41 8.55
C TRP A 24 -12.73 -18.07 8.54
N ASP A 25 -11.67 -17.98 9.34
CA ASP A 25 -10.84 -16.78 9.36
C ASP A 25 -9.47 -17.09 8.78
N ILE A 26 -9.16 -16.48 7.63
CA ILE A 26 -7.92 -16.75 6.92
C ILE A 26 -6.90 -15.65 7.17
N GLU A 27 -5.70 -16.03 7.57
CA GLU A 27 -4.64 -15.06 7.85
C GLU A 27 -3.28 -15.52 7.31
N VAL A 28 -2.67 -14.66 6.48
CA VAL A 28 -1.31 -14.87 6.02
C VAL A 28 -0.43 -13.78 6.63
N PRO A 29 0.88 -14.03 6.74
CA PRO A 29 1.76 -13.04 7.38
C PRO A 29 1.81 -11.70 6.63
N GLU A 30 2.31 -10.67 7.31
CA GLU A 30 2.43 -9.34 6.73
C GLU A 30 3.36 -9.36 5.53
N GLY A 31 3.03 -8.56 4.51
CA GLY A 31 3.81 -8.50 3.29
C GLY A 31 3.25 -9.42 2.22
N TYR A 32 2.12 -10.05 2.52
CA TYR A 32 1.48 -10.96 1.58
C TYR A 32 0.02 -10.61 1.31
N GLY A 33 -0.44 -10.94 0.11
CA GLY A 33 -1.85 -10.86 -0.21
C GLY A 33 -2.42 -12.27 -0.25
N ILE A 34 -3.70 -12.40 -0.59
CA ILE A 34 -4.33 -13.71 -0.61
C ILE A 34 -5.02 -14.02 -1.93
N HIS A 35 -4.68 -15.17 -2.52
CA HIS A 35 -5.36 -15.68 -3.70
C HIS A 35 -6.31 -16.80 -3.30
N LEU A 36 -7.61 -16.50 -3.27
CA LEU A 36 -8.62 -17.48 -2.92
C LEU A 36 -9.34 -17.97 -4.18
N TYR A 37 -9.38 -19.28 -4.36
CA TYR A 37 -10.03 -19.85 -5.55
C TYR A 37 -10.86 -21.09 -5.24
N PHE A 38 -12.02 -21.18 -5.89
CA PHE A 38 -12.93 -22.30 -5.71
C PHE A 38 -12.75 -23.32 -6.82
N THR A 39 -12.70 -24.60 -6.45
CA THR A 39 -12.53 -25.68 -7.42
C THR A 39 -13.80 -26.51 -7.55
N HIS A 40 -14.77 -26.23 -6.69
CA HIS A 40 -16.06 -26.91 -6.73
C HIS A 40 -17.14 -26.00 -6.18
N LEU A 41 -18.30 -25.99 -6.85
CA LEU A 41 -19.40 -25.15 -6.43
C LEU A 41 -20.74 -25.79 -6.78
N ASP A 42 -21.42 -26.32 -5.76
CA ASP A 42 -22.69 -27.00 -5.96
C ASP A 42 -23.63 -26.63 -4.81
N ILE A 43 -24.18 -25.42 -4.89
CA ILE A 43 -25.02 -24.87 -3.83
C ILE A 43 -26.40 -24.54 -4.40
N GLU A 44 -27.43 -24.59 -3.55
CA GLU A 44 -28.78 -24.24 -3.97
C GLU A 44 -28.82 -22.83 -4.57
N LEU A 45 -29.41 -22.73 -5.76
CA LEU A 45 -29.48 -21.46 -6.47
C LEU A 45 -30.71 -20.65 -6.08
N SER A 46 -30.51 -19.37 -5.79
CA SER A 46 -31.60 -18.46 -5.49
C SER A 46 -31.23 -17.04 -5.92
N GLU A 47 -32.25 -16.22 -6.15
CA GLU A 47 -32.02 -14.82 -6.53
C GLU A 47 -31.30 -14.09 -5.40
N ASN A 48 -30.22 -13.39 -5.77
CA ASN A 48 -29.35 -12.71 -4.80
C ASN A 48 -28.68 -13.65 -3.79
N CYS A 49 -28.75 -14.95 -4.05
CA CYS A 49 -28.19 -15.98 -3.16
C CYS A 49 -28.65 -15.81 -1.73
N ALA A 50 -29.96 -15.70 -1.54
CA ALA A 50 -30.53 -15.42 -0.21
C ALA A 50 -30.69 -16.67 0.65
N TYR A 51 -31.12 -17.77 0.03
CA TYR A 51 -31.33 -19.03 0.76
C TYR A 51 -29.98 -19.57 1.24
N ASP A 52 -29.24 -20.19 0.33
CA ASP A 52 -27.92 -20.72 0.62
C ASP A 52 -26.86 -19.87 -0.08
N SER A 53 -25.71 -19.69 0.58
CA SER A 53 -24.64 -18.88 0.01
C SER A 53 -23.31 -19.08 0.72
N VAL A 54 -22.23 -18.88 -0.03
CA VAL A 54 -20.90 -18.79 0.56
C VAL A 54 -20.40 -17.36 0.35
N GLN A 55 -19.92 -16.74 1.42
CA GLN A 55 -19.62 -15.31 1.40
C GLN A 55 -18.13 -15.04 1.65
N ILE A 56 -17.58 -14.09 0.90
CA ILE A 56 -16.18 -13.70 1.04
C ILE A 56 -16.08 -12.24 1.49
N ILE A 57 -15.43 -12.01 2.63
CA ILE A 57 -15.34 -10.66 3.19
C ILE A 57 -13.90 -10.23 3.48
N SER A 58 -13.41 -9.28 2.69
CA SER A 58 -12.08 -8.72 2.92
C SER A 58 -12.21 -7.33 3.50
N GLY A 59 -11.35 -7.00 4.47
CA GLY A 59 -11.50 -5.77 5.22
C GLY A 59 -12.81 -5.84 5.98
N ASP A 60 -13.85 -5.22 5.42
CA ASP A 60 -15.21 -5.42 5.90
C ASP A 60 -16.21 -5.15 4.78
N THR A 61 -15.71 -5.17 3.55
CA THR A 61 -16.55 -5.08 2.37
C THR A 61 -16.77 -6.49 1.82
N GLU A 62 -17.70 -6.62 0.87
CA GLU A 62 -18.01 -7.93 0.30
C GLU A 62 -17.30 -8.13 -1.03
N GLU A 63 -16.39 -9.10 -1.08
CA GLU A 63 -15.70 -9.44 -2.32
C GLU A 63 -16.61 -10.23 -3.25
N GLY A 64 -17.50 -11.02 -2.67
CA GLY A 64 -18.41 -11.83 -3.46
C GLY A 64 -19.38 -12.66 -2.64
N ARG A 65 -20.46 -13.08 -3.28
CA ARG A 65 -21.46 -13.92 -2.66
C ARG A 65 -21.87 -14.98 -3.68
N LEU A 66 -21.46 -16.22 -3.44
CA LEU A 66 -21.59 -17.28 -4.43
C LEU A 66 -22.67 -18.31 -4.10
N CYS A 67 -23.37 -18.76 -5.13
CA CYS A 67 -24.33 -19.85 -5.02
C CYS A 67 -24.57 -20.43 -6.41
N GLY A 68 -25.22 -21.59 -6.46
CA GLY A 68 -25.52 -22.22 -7.73
C GLY A 68 -24.56 -23.33 -8.08
N GLN A 69 -24.73 -23.89 -9.28
N GLN A 69 -24.76 -23.92 -9.26
CA GLN A 69 -23.91 -24.99 -9.75
CA GLN A 69 -23.90 -25.00 -9.75
C GLN A 69 -23.09 -24.57 -10.95
C GLN A 69 -23.08 -24.53 -10.93
N ARG A 70 -21.77 -24.75 -10.87
CA ARG A 70 -20.87 -24.32 -11.94
C ARG A 70 -19.67 -25.24 -12.11
N SER A 71 -19.36 -25.55 -13.37
CA SER A 71 -18.14 -26.29 -13.69
C SER A 71 -17.19 -25.36 -14.45
N SER A 72 -15.94 -25.77 -14.57
CA SER A 72 -14.92 -24.92 -15.18
C SER A 72 -15.02 -24.86 -16.70
N ASN A 73 -14.61 -23.72 -17.27
CA ASN A 73 -14.55 -23.58 -18.72
C ASN A 73 -13.35 -24.32 -19.27
N ASN A 74 -12.19 -24.08 -18.68
CA ASN A 74 -10.96 -24.74 -19.08
C ASN A 74 -10.88 -26.17 -18.56
N PRO A 75 -10.37 -27.08 -19.40
CA PRO A 75 -10.02 -28.44 -18.93
C PRO A 75 -8.63 -28.42 -18.32
N HIS A 76 -7.98 -27.26 -18.40
CA HIS A 76 -6.62 -27.09 -17.88
C HIS A 76 -6.64 -26.52 -16.47
N SER A 77 -7.84 -26.25 -15.96
CA SER A 77 -7.99 -25.70 -14.61
C SER A 77 -9.39 -25.98 -14.08
N PRO A 78 -9.47 -26.41 -12.81
CA PRO A 78 -10.76 -26.68 -12.17
C PRO A 78 -11.33 -25.45 -11.47
N ILE A 79 -10.62 -24.33 -11.57
CA ILE A 79 -11.05 -23.11 -10.90
C ILE A 79 -12.35 -22.57 -11.49
N VAL A 80 -13.33 -22.33 -10.63
CA VAL A 80 -14.63 -21.83 -11.04
C VAL A 80 -14.75 -20.35 -10.69
N GLU A 81 -14.36 -20.01 -9.47
CA GLU A 81 -14.35 -18.63 -9.01
C GLU A 81 -13.05 -18.34 -8.26
N GLU A 82 -12.52 -17.14 -8.45
CA GLU A 82 -11.30 -16.76 -7.74
C GLU A 82 -11.27 -15.29 -7.35
N PHE A 83 -10.63 -15.01 -6.22
CA PHE A 83 -10.52 -13.65 -5.70
C PHE A 83 -9.07 -13.35 -5.34
N GLN A 84 -8.61 -12.17 -5.70
CA GLN A 84 -7.27 -11.72 -5.35
C GLN A 84 -7.36 -10.47 -4.46
N VAL A 85 -7.05 -10.62 -3.18
CA VAL A 85 -7.12 -9.50 -2.25
C VAL A 85 -5.72 -9.01 -1.86
N PRO A 86 -5.56 -7.69 -1.75
CA PRO A 86 -4.28 -7.09 -1.36
C PRO A 86 -4.14 -7.01 0.16
N TYR A 87 -4.96 -7.79 0.86
CA TYR A 87 -4.95 -7.79 2.32
C TYR A 87 -4.40 -9.13 2.82
N ASN A 88 -3.95 -9.16 4.07
CA ASN A 88 -3.39 -10.38 4.64
C ASN A 88 -4.41 -11.17 5.45
N LYS A 89 -5.64 -10.67 5.52
CA LYS A 89 -6.71 -11.37 6.22
C LYS A 89 -8.01 -11.42 5.42
N LEU A 90 -8.78 -12.48 5.64
CA LEU A 90 -10.01 -12.72 4.88
C LEU A 90 -10.98 -13.56 5.70
N GLN A 91 -12.27 -13.42 5.42
CA GLN A 91 -13.28 -14.23 6.09
C GLN A 91 -14.22 -14.91 5.10
N VAL A 92 -14.47 -16.19 5.31
CA VAL A 92 -15.41 -16.94 4.49
C VAL A 92 -16.59 -17.39 5.33
N ILE A 93 -17.80 -17.11 4.87
CA ILE A 93 -19.01 -17.48 5.59
C ILE A 93 -19.94 -18.33 4.74
N PHE A 94 -20.24 -19.54 5.22
CA PHE A 94 -21.19 -20.40 4.55
C PHE A 94 -22.46 -20.57 5.39
N LYS A 95 -23.61 -20.32 4.77
CA LYS A 95 -24.89 -20.49 5.44
C LYS A 95 -25.91 -21.19 4.57
N SER A 96 -26.82 -21.94 5.19
CA SER A 96 -27.88 -22.64 4.47
C SER A 96 -29.21 -22.40 5.16
N ASP A 97 -30.29 -22.37 4.40
CA ASP A 97 -31.62 -22.14 4.97
C ASP A 97 -32.26 -23.43 5.47
N PHE A 98 -33.59 -23.45 5.51
CA PHE A 98 -34.31 -24.55 6.14
C PHE A 98 -34.40 -25.83 5.31
N SER A 99 -34.27 -25.72 3.98
CA SER A 99 -34.48 -26.89 3.13
C SER A 99 -33.66 -26.92 1.84
N ASN A 100 -33.26 -28.13 1.45
CA ASN A 100 -32.69 -28.39 0.13
C ASN A 100 -33.61 -29.35 -0.63
N GLU A 101 -34.05 -28.95 -1.81
CA GLU A 101 -34.93 -29.79 -2.61
C GLU A 101 -34.16 -30.82 -3.42
N GLU A 102 -32.84 -30.65 -3.50
CA GLU A 102 -31.99 -31.60 -4.22
C GLU A 102 -30.71 -31.88 -3.46
N ARG A 103 -29.83 -32.67 -4.07
CA ARG A 103 -28.53 -32.96 -3.49
C ARG A 103 -27.53 -31.88 -3.89
N PHE A 104 -27.13 -31.06 -2.92
CA PHE A 104 -26.15 -30.01 -3.17
C PHE A 104 -24.88 -30.30 -2.37
N THR A 105 -23.77 -30.51 -3.06
CA THR A 105 -22.54 -30.93 -2.42
C THR A 105 -21.67 -29.79 -1.89
N GLY A 106 -22.21 -28.58 -1.94
CA GLY A 106 -21.55 -27.43 -1.34
C GLY A 106 -20.44 -26.80 -2.15
N PHE A 107 -19.25 -26.71 -1.57
CA PHE A 107 -18.13 -26.07 -2.24
C PHE A 107 -16.77 -26.54 -1.70
N ALA A 108 -15.73 -26.31 -2.49
CA ALA A 108 -14.36 -26.56 -2.08
C ALA A 108 -13.48 -25.39 -2.50
N ALA A 109 -12.69 -24.86 -1.57
CA ALA A 109 -11.87 -23.69 -1.85
C ALA A 109 -10.44 -23.84 -1.30
N TYR A 110 -9.53 -23.06 -1.87
CA TYR A 110 -8.13 -23.06 -1.44
C TYR A 110 -7.59 -21.63 -1.48
N TYR A 111 -6.64 -21.33 -0.59
CA TYR A 111 -5.99 -20.03 -0.60
C TYR A 111 -4.48 -20.16 -0.55
N VAL A 112 -3.78 -19.22 -1.18
CA VAL A 112 -2.32 -19.18 -1.11
C VAL A 112 -1.87 -17.75 -0.85
N ALA A 113 -0.78 -17.61 -0.11
CA ALA A 113 -0.21 -16.28 0.14
C ALA A 113 0.48 -15.79 -1.13
N THR A 114 0.22 -14.54 -1.48
CA THR A 114 0.86 -13.94 -2.65
C THR A 114 1.75 -12.78 -2.23
N ASP A 115 2.98 -12.77 -2.71
CA ASP A 115 3.92 -11.72 -2.36
C ASP A 115 3.48 -10.35 -2.90
N ILE A 116 3.68 -9.32 -2.08
CA ILE A 116 3.42 -7.96 -2.50
C ILE A 116 4.69 -7.35 -3.09
N ASN A 117 4.60 -6.87 -4.33
CA ASN A 117 5.74 -6.19 -4.95
C ASN A 117 5.65 -4.69 -4.71
N GLU A 118 6.17 -4.24 -3.57
CA GLU A 118 6.07 -2.84 -3.17
C GLU A 118 6.75 -1.88 -4.15
N CYS A 119 7.64 -2.41 -4.98
CA CYS A 119 8.36 -1.59 -5.95
C CYS A 119 7.51 -1.24 -7.16
N THR A 120 6.53 -2.07 -7.49
CA THR A 120 5.75 -1.90 -8.72
C THR A 120 4.24 -1.80 -8.49
N ASP A 121 3.74 -2.46 -7.46
CA ASP A 121 2.30 -2.58 -7.23
C ASP A 121 1.61 -1.27 -6.85
N PHE A 122 2.40 -0.23 -6.59
CA PHE A 122 1.83 1.02 -6.11
C PHE A 122 2.22 2.22 -6.97
N VAL A 123 1.47 3.31 -6.82
CA VAL A 123 1.69 4.53 -7.60
C VAL A 123 3.09 5.10 -7.36
N ASP A 124 3.51 5.13 -6.09
CA ASP A 124 4.82 5.65 -5.73
C ASP A 124 5.79 4.56 -5.32
N VAL A 125 7.06 4.74 -5.67
CA VAL A 125 8.13 3.85 -5.24
C VAL A 125 8.71 4.39 -3.94
N PRO A 126 8.73 3.55 -2.88
CA PRO A 126 9.14 3.99 -1.54
C PRO A 126 10.66 4.00 -1.33
N CYS A 127 11.41 4.39 -2.35
CA CYS A 127 12.86 4.49 -2.24
C CYS A 127 13.39 5.68 -3.03
N SER A 128 14.39 6.36 -2.48
CA SER A 128 14.96 7.54 -3.13
C SER A 128 15.75 7.14 -4.37
N HIS A 129 16.28 5.91 -4.36
CA HIS A 129 17.07 5.43 -5.49
C HIS A 129 16.62 4.07 -5.99
N PHE A 130 17.13 3.01 -5.38
CA PHE A 130 16.86 1.66 -5.86
C PHE A 130 15.97 0.88 -4.90
N CYS A 131 14.87 0.35 -5.42
CA CYS A 131 13.97 -0.47 -4.62
C CYS A 131 14.20 -1.95 -4.91
N ASN A 132 14.38 -2.73 -3.86
CA ASN A 132 14.62 -4.17 -4.01
C ASN A 132 13.51 -5.01 -3.38
N ASN A 133 12.68 -5.61 -4.22
CA ASN A 133 11.60 -6.47 -3.74
C ASN A 133 12.10 -7.87 -3.40
N PHE A 134 11.60 -8.42 -2.29
CA PHE A 134 11.79 -9.83 -1.99
C PHE A 134 10.50 -10.43 -1.46
N ILE A 135 10.50 -11.75 -1.22
CA ILE A 135 9.30 -12.42 -0.78
C ILE A 135 8.97 -12.12 0.69
N GLY A 136 7.90 -11.37 0.90
CA GLY A 136 7.46 -11.03 2.24
C GLY A 136 7.84 -9.62 2.67
N GLY A 137 8.47 -8.86 1.78
CA GLY A 137 8.87 -7.51 2.09
C GLY A 137 9.69 -6.86 0.98
N TYR A 138 10.50 -5.88 1.34
CA TYR A 138 11.37 -5.19 0.39
C TYR A 138 12.42 -4.38 1.13
N PHE A 139 13.43 -3.91 0.42
CA PHE A 139 14.43 -3.03 1.01
C PHE A 139 15.01 -2.06 -0.01
N CYS A 140 15.47 -0.91 0.47
CA CYS A 140 16.05 0.10 -0.40
C CYS A 140 17.57 0.00 -0.39
N SER A 141 18.21 0.40 -1.49
CA SER A 141 19.66 0.37 -1.59
C SER A 141 20.18 1.69 -2.19
N CYS A 142 21.48 1.93 -2.04
CA CYS A 142 22.06 3.20 -2.43
C CYS A 142 23.25 3.02 -3.37
N PRO A 143 23.52 4.04 -4.20
CA PRO A 143 24.72 4.07 -5.04
C PRO A 143 25.97 4.12 -4.16
N PRO A 144 27.15 3.84 -4.73
CA PRO A 144 28.40 3.94 -3.97
C PRO A 144 28.58 5.30 -3.32
N GLU A 145 29.12 5.32 -2.11
CA GLU A 145 29.35 6.53 -1.32
C GLU A 145 28.05 7.22 -0.88
N TYR A 146 26.92 6.56 -1.10
CA TYR A 146 25.64 7.00 -0.55
C TYR A 146 25.21 6.03 0.54
N PHE A 147 24.62 6.55 1.61
CA PHE A 147 24.21 5.71 2.72
C PHE A 147 22.72 5.87 3.06
N LEU A 148 22.12 4.82 3.61
CA LEU A 148 20.69 4.80 3.88
C LEU A 148 20.34 5.49 5.19
N HIS A 149 19.33 6.35 5.14
CA HIS A 149 18.88 7.11 6.31
C HIS A 149 18.17 6.21 7.32
N ASP A 150 17.95 6.72 8.53
CA ASP A 150 17.26 5.99 9.57
C ASP A 150 15.83 5.59 9.17
N ASP A 151 15.23 6.37 8.27
CA ASP A 151 13.89 6.05 7.78
C ASP A 151 13.91 4.87 6.81
N MET A 152 15.12 4.43 6.45
CA MET A 152 15.32 3.29 5.56
C MET A 152 14.68 3.50 4.19
N LYS A 153 14.53 4.76 3.81
CA LYS A 153 13.93 5.12 2.53
C LYS A 153 14.85 6.02 1.71
N ASN A 154 15.51 6.95 2.39
CA ASN A 154 16.35 7.94 1.72
C ASN A 154 17.85 7.61 1.75
N CYS A 155 18.49 7.73 0.59
CA CYS A 155 19.93 7.57 0.50
C CYS A 155 20.59 8.95 0.37
N GLY A 156 21.69 9.13 1.09
CA GLY A 156 22.38 10.40 1.08
C GLY A 156 23.87 10.27 1.32
N VAL A 157 24.62 11.27 0.86
CA VAL A 157 26.07 11.30 1.01
C VAL A 157 26.47 11.71 2.44
N ASN A 158 27.50 11.05 2.96
CA ASN A 158 28.05 11.40 4.27
C ASN A 158 28.98 12.61 4.17
N CYS A 159 28.46 13.77 4.58
CA CYS A 159 29.24 15.01 4.50
C CYS A 159 29.11 15.84 5.79
N SER A 160 28.97 15.15 6.91
CA SER A 160 28.88 15.82 8.21
C SER A 160 29.96 15.28 9.14
N GLY A 161 30.30 16.06 10.17
CA GLY A 161 31.26 15.62 11.17
C GLY A 161 32.45 16.53 11.37
N ASP A 162 32.93 17.13 10.29
CA ASP A 162 34.12 17.99 10.36
C ASP A 162 33.87 19.24 11.20
N VAL A 163 34.52 19.31 12.36
CA VAL A 163 34.41 20.48 13.22
C VAL A 163 35.63 21.40 13.06
N PHE A 164 35.37 22.67 12.79
CA PHE A 164 36.44 23.62 12.52
C PHE A 164 36.75 24.49 13.75
N THR A 165 38.00 24.44 14.19
CA THR A 165 38.43 25.18 15.37
C THR A 165 39.50 26.21 15.04
N ALA A 166 40.06 26.11 13.84
CA ALA A 166 41.06 27.06 13.38
C ALA A 166 40.46 28.46 13.26
N LEU A 167 41.27 29.47 13.54
CA LEU A 167 40.77 30.85 13.55
C LEU A 167 40.46 31.35 12.15
N ILE A 168 41.07 30.74 11.15
CA ILE A 168 40.83 31.09 9.75
C ILE A 168 40.73 29.81 8.91
N GLY A 169 39.70 29.73 8.06
CA GLY A 169 39.53 28.56 7.21
C GLY A 169 38.59 28.75 6.04
N GLU A 170 38.65 27.82 5.09
CA GLU A 170 37.74 27.82 3.95
C GLU A 170 36.87 26.57 3.93
N ILE A 171 35.62 26.73 3.55
CA ILE A 171 34.67 25.61 3.49
C ILE A 171 33.94 25.61 2.15
N ALA A 172 33.82 24.43 1.56
CA ALA A 172 33.10 24.28 0.29
C ALA A 172 32.12 23.13 0.33
N SER A 173 31.10 23.20 -0.52
CA SER A 173 30.15 22.11 -0.69
C SER A 173 30.88 20.90 -1.29
N PRO A 174 30.33 19.69 -1.11
CA PRO A 174 31.00 18.49 -1.61
C PRO A 174 31.26 18.54 -3.12
N ASN A 175 32.47 18.17 -3.52
CA ASN A 175 32.89 18.08 -4.92
C ASN A 175 33.06 19.40 -5.66
N TYR A 176 32.91 20.52 -4.95
CA TYR A 176 33.09 21.85 -5.52
C TYR A 176 34.42 21.95 -6.29
N PRO A 177 34.39 22.54 -7.50
CA PRO A 177 33.23 23.16 -8.14
C PRO A 177 32.40 22.21 -9.02
N LYS A 178 32.63 20.91 -8.90
CA LYS A 178 31.78 19.94 -9.59
C LYS A 178 30.45 19.85 -8.84
N PRO A 179 29.37 19.44 -9.53
CA PRO A 179 28.02 19.37 -8.95
C PRO A 179 27.95 18.66 -7.59
N TYR A 180 27.17 19.21 -6.67
CA TYR A 180 26.98 18.62 -5.35
C TYR A 180 26.05 17.41 -5.40
N PRO A 181 26.21 16.47 -4.46
CA PRO A 181 25.37 15.26 -4.43
C PRO A 181 23.91 15.58 -4.13
N GLU A 182 23.01 14.69 -4.53
CA GLU A 182 21.58 14.90 -4.33
C GLU A 182 21.09 14.24 -3.05
N ASN A 183 19.93 14.70 -2.58
CA ASN A 183 19.23 14.08 -1.44
C ASN A 183 20.10 13.95 -0.20
N SER A 184 20.83 15.02 0.13
CA SER A 184 21.79 14.95 1.23
C SER A 184 21.68 16.14 2.18
N ARG A 185 22.15 15.93 3.40
CA ARG A 185 22.18 16.99 4.41
C ARG A 185 23.60 17.12 4.97
N CYS A 186 24.26 18.20 4.62
CA CYS A 186 25.63 18.43 5.06
C CYS A 186 25.67 19.43 6.22
N GLU A 187 26.30 19.04 7.32
CA GLU A 187 26.38 19.90 8.48
C GLU A 187 27.82 20.22 8.86
N TYR A 188 28.16 21.51 8.80
CA TYR A 188 29.50 21.97 9.14
C TYR A 188 29.45 22.81 10.41
N GLN A 189 30.39 22.58 11.33
CA GLN A 189 30.40 23.29 12.60
C GLN A 189 31.70 24.03 12.85
N ILE A 190 31.58 25.31 13.17
CA ILE A 190 32.74 26.15 13.50
C ILE A 190 32.72 26.47 14.99
N ARG A 191 33.81 26.13 15.68
CA ARG A 191 33.90 26.37 17.12
C ARG A 191 35.18 27.12 17.49
N LEU A 192 35.03 28.40 17.80
CA LEU A 192 36.16 29.22 18.21
C LEU A 192 36.11 29.51 19.72
N GLU A 193 37.17 30.15 20.23
CA GLU A 193 37.20 30.56 21.62
C GLU A 193 36.15 31.64 21.91
N LYS A 194 35.82 31.80 23.19
CA LYS A 194 34.78 32.73 23.62
C LYS A 194 34.93 34.15 23.09
N GLY A 195 36.12 34.72 23.25
CA GLY A 195 36.36 36.12 22.92
C GLY A 195 36.26 36.48 21.46
N PHE A 196 36.08 35.48 20.60
CA PHE A 196 36.03 35.72 19.16
C PHE A 196 34.64 35.57 18.56
N GLN A 197 34.44 36.19 17.40
CA GLN A 197 33.18 36.11 16.68
C GLN A 197 33.43 35.57 15.28
N VAL A 198 32.65 34.58 14.87
CA VAL A 198 32.75 34.03 13.53
C VAL A 198 32.17 35.00 12.52
N VAL A 199 32.97 35.36 11.52
CA VAL A 199 32.48 36.20 10.43
C VAL A 199 32.69 35.51 9.08
N VAL A 200 31.60 35.33 8.35
CA VAL A 200 31.63 34.59 7.10
C VAL A 200 31.70 35.52 5.91
N THR A 201 32.63 35.26 5.00
CA THR A 201 32.76 36.04 3.78
C THR A 201 32.81 35.13 2.56
N LEU A 202 32.20 35.58 1.47
CA LEU A 202 32.26 34.87 0.21
C LEU A 202 32.00 35.81 -0.96
N ARG A 203 32.53 35.45 -2.13
CA ARG A 203 32.26 36.22 -3.34
C ARG A 203 30.92 35.77 -3.92
N ARG A 204 30.21 36.70 -4.55
CA ARG A 204 28.88 36.43 -5.09
C ARG A 204 28.90 35.34 -6.16
N GLU A 205 29.97 35.31 -6.94
CA GLU A 205 30.09 34.34 -8.03
C GLU A 205 30.49 32.95 -7.52
N ASP A 206 30.78 32.85 -6.23
CA ASP A 206 31.17 31.58 -5.62
C ASP A 206 29.98 30.84 -5.01
N PHE A 207 28.78 31.12 -5.52
CA PHE A 207 27.57 30.49 -5.01
C PHE A 207 26.61 30.18 -6.15
N ASP A 208 26.47 28.91 -6.48
CA ASP A 208 25.49 28.49 -7.47
C ASP A 208 24.73 27.26 -6.97
N VAL A 209 23.54 27.50 -6.44
CA VAL A 209 22.68 26.45 -5.93
C VAL A 209 21.35 26.55 -6.67
N GLU A 210 20.67 25.43 -6.86
CA GLU A 210 19.39 25.38 -7.57
C GLU A 210 18.43 26.49 -7.12
N ALA A 211 17.81 27.15 -8.08
CA ALA A 211 16.93 28.28 -7.80
C ALA A 211 15.65 27.85 -7.06
N ALA A 212 15.02 28.80 -6.40
CA ALA A 212 13.78 28.54 -5.67
C ALA A 212 12.65 28.19 -6.62
N ASP A 213 11.56 27.66 -6.07
CA ASP A 213 10.41 27.33 -6.90
C ASP A 213 9.60 28.58 -7.25
N SER A 214 8.39 28.38 -7.76
CA SER A 214 7.53 29.49 -8.16
C SER A 214 7.00 30.27 -6.96
N ALA A 215 7.05 29.67 -5.78
CA ALA A 215 6.51 30.29 -4.58
C ALA A 215 7.61 30.87 -3.68
N GLY A 216 8.83 30.92 -4.19
CA GLY A 216 9.94 31.49 -3.45
C GLY A 216 10.58 30.53 -2.47
N ASN A 217 10.12 29.30 -2.45
CA ASN A 217 10.68 28.28 -1.55
C ASN A 217 11.95 27.65 -2.11
N CYS A 218 12.98 27.57 -1.27
CA CYS A 218 14.21 26.90 -1.64
C CYS A 218 14.06 25.39 -1.56
N LEU A 219 14.37 24.70 -2.64
CA LEU A 219 14.35 23.24 -2.66
C LEU A 219 15.70 22.75 -2.16
N ASP A 220 16.76 23.37 -2.67
CA ASP A 220 18.09 23.21 -2.08
C ASP A 220 18.40 24.51 -1.33
N SER A 221 18.97 24.38 -0.13
CA SER A 221 19.19 25.57 0.69
C SER A 221 20.48 25.52 1.50
N LEU A 222 21.04 26.70 1.73
CA LEU A 222 22.17 26.87 2.63
C LEU A 222 21.75 27.81 3.74
N VAL A 223 21.97 27.40 4.98
CA VAL A 223 21.54 28.20 6.13
C VAL A 223 22.61 28.25 7.22
N PHE A 224 22.78 29.42 7.81
CA PHE A 224 23.73 29.61 8.89
C PHE A 224 23.00 29.79 10.21
N VAL A 225 23.36 28.97 11.21
CA VAL A 225 22.70 29.02 12.51
C VAL A 225 23.69 29.41 13.61
N ALA A 226 23.43 30.53 14.27
CA ALA A 226 24.26 30.97 15.39
C ALA A 226 23.41 31.10 16.64
N GLY A 227 23.07 29.96 17.25
CA GLY A 227 22.20 29.93 18.40
C GLY A 227 20.75 30.06 17.98
N ASP A 228 20.12 31.17 18.37
CA ASP A 228 18.75 31.44 17.96
C ASP A 228 18.71 32.27 16.67
N ARG A 229 19.73 33.10 16.48
CA ARG A 229 19.85 33.91 15.26
C ARG A 229 20.03 32.99 14.06
N GLN A 230 19.56 33.45 12.90
CA GLN A 230 19.60 32.62 11.70
C GLN A 230 19.83 33.44 10.43
N PHE A 231 20.69 32.92 9.56
CA PHE A 231 20.94 33.54 8.27
C PHE A 231 20.60 32.56 7.16
N GLY A 232 19.65 32.96 6.31
CA GLY A 232 19.18 32.08 5.25
C GLY A 232 17.71 31.72 5.41
N PRO A 233 17.26 30.69 4.68
CA PRO A 233 18.05 29.87 3.76
C PRO A 233 18.38 30.58 2.46
N TYR A 234 19.51 30.23 1.86
CA TYR A 234 19.95 30.85 0.61
C TYR A 234 19.96 29.85 -0.53
N CYS A 235 19.59 30.33 -1.72
CA CYS A 235 19.64 29.52 -2.94
C CYS A 235 19.64 30.42 -4.17
N GLY A 236 19.84 29.83 -5.33
CA GLY A 236 19.84 30.58 -6.58
C GLY A 236 21.22 30.75 -7.20
N HIS A 237 21.24 31.31 -8.40
CA HIS A 237 22.49 31.57 -9.11
C HIS A 237 23.10 32.88 -8.63
N GLY A 238 24.15 32.79 -7.83
CA GLY A 238 24.74 33.96 -7.20
C GLY A 238 24.20 34.11 -5.79
N PHE A 239 25.07 34.40 -4.84
CA PHE A 239 24.68 34.53 -3.44
C PHE A 239 23.78 35.74 -3.22
N PRO A 240 22.53 35.48 -2.80
CA PRO A 240 21.51 36.52 -2.65
C PRO A 240 21.61 37.27 -1.33
N GLY A 241 22.44 36.78 -0.41
CA GLY A 241 22.57 37.41 0.89
C GLY A 241 23.77 38.31 1.01
N PRO A 242 24.10 38.74 2.24
CA PRO A 242 25.24 39.61 2.51
C PRO A 242 26.56 38.89 2.26
N LEU A 243 27.52 39.55 1.62
CA LEU A 243 28.79 38.94 1.30
C LEU A 243 29.73 38.95 2.51
N ASN A 244 29.30 39.62 3.57
CA ASN A 244 30.05 39.65 4.83
C ASN A 244 29.09 39.59 6.01
N ILE A 245 29.14 38.49 6.75
CA ILE A 245 28.20 38.26 7.85
C ILE A 245 28.88 38.18 9.21
N GLU A 246 28.60 39.16 10.06
CA GLU A 246 29.09 39.14 11.44
C GLU A 246 28.09 38.41 12.33
N THR A 247 28.41 37.17 12.66
CA THR A 247 27.46 36.28 13.35
C THR A 247 27.25 36.62 14.83
N LYS A 248 28.13 37.46 15.38
CA LYS A 248 28.08 37.83 16.80
C LYS A 248 28.15 36.60 17.71
N SER A 249 28.77 35.53 17.22
CA SER A 249 28.85 34.28 17.97
C SER A 249 30.16 33.54 17.69
N ASN A 250 30.65 32.83 18.68
CA ASN A 250 31.88 32.03 18.53
C ASN A 250 31.57 30.63 18.02
N ALA A 251 30.29 30.30 17.95
CA ALA A 251 29.85 29.00 17.43
C ALA A 251 28.84 29.20 16.31
N LEU A 252 29.08 28.55 15.18
CA LEU A 252 28.20 28.68 14.03
C LEU A 252 27.93 27.33 13.36
N ASP A 253 26.66 27.06 13.04
CA ASP A 253 26.29 25.85 12.32
C ASP A 253 25.95 26.17 10.86
N ILE A 254 26.59 25.46 9.94
CA ILE A 254 26.31 25.61 8.52
C ILE A 254 25.62 24.35 7.99
N ILE A 255 24.38 24.52 7.53
CA ILE A 255 23.58 23.39 7.09
C ILE A 255 23.22 23.50 5.60
N PHE A 256 23.67 22.52 4.81
CA PHE A 256 23.37 22.49 3.39
C PHE A 256 22.47 21.31 3.06
N GLN A 257 21.25 21.60 2.64
CA GLN A 257 20.26 20.57 2.35
C GLN A 257 19.91 20.55 0.86
N THR A 258 19.90 19.36 0.27
CA THR A 258 19.53 19.21 -1.14
C THR A 258 18.48 18.11 -1.29
N ASP A 259 17.61 18.27 -2.28
CA ASP A 259 16.60 17.25 -2.57
C ASP A 259 17.09 16.26 -3.62
N LEU A 260 16.16 15.56 -4.26
CA LEU A 260 16.51 14.44 -5.12
C LEU A 260 17.04 14.83 -6.51
N THR A 261 16.49 15.90 -7.08
CA THR A 261 16.85 16.30 -8.44
C THR A 261 17.30 17.75 -8.52
N GLY A 262 18.04 18.07 -9.58
CA GLY A 262 18.51 19.43 -9.81
C GLY A 262 19.71 19.81 -8.96
N GLN A 263 20.92 19.61 -9.49
CA GLN A 263 22.13 19.98 -8.78
C GLN A 263 22.96 20.97 -9.57
N LYS A 264 23.62 21.88 -8.85
CA LYS A 264 24.43 22.90 -9.48
C LYS A 264 25.87 22.86 -9.00
N LYS A 265 26.64 23.89 -9.36
CA LYS A 265 28.06 23.99 -9.03
C LYS A 265 28.34 23.90 -7.54
N GLY A 266 27.50 24.53 -6.73
CA GLY A 266 27.67 24.51 -5.29
C GLY A 266 28.14 25.84 -4.74
N TRP A 267 28.87 25.79 -3.63
CA TRP A 267 29.34 27.01 -2.98
C TRP A 267 30.70 26.86 -2.30
N LYS A 268 31.35 27.99 -2.06
CA LYS A 268 32.63 28.02 -1.36
C LYS A 268 32.73 29.29 -0.54
N LEU A 269 33.03 29.15 0.75
CA LEU A 269 33.10 30.30 1.65
C LEU A 269 34.37 30.34 2.49
N ARG A 270 34.60 31.47 3.13
CA ARG A 270 35.70 31.63 4.07
C ARG A 270 35.17 32.22 5.39
N TYR A 271 35.72 31.75 6.51
CA TYR A 271 35.40 32.32 7.80
C TYR A 271 36.68 32.76 8.51
N HIS A 272 36.57 33.76 9.37
CA HIS A 272 37.67 34.13 10.25
C HIS A 272 37.12 34.66 11.58
N GLY A 273 38.01 34.90 12.53
CA GLY A 273 37.59 35.34 13.85
C GLY A 273 37.86 36.81 14.13
N ASP A 274 36.81 37.53 14.53
CA ASP A 274 36.93 38.91 14.96
C ASP A 274 36.72 38.98 16.48
N PRO A 275 37.41 39.91 17.16
CA PRO A 275 37.26 40.04 18.60
C PRO A 275 35.85 40.49 19.00
N MET A 276 35.48 40.26 20.26
CA MET A 276 34.18 40.68 20.76
C MET A 276 34.25 42.07 21.38
N GLY B 5 -24.58 -16.12 -33.67
CA GLY B 5 -24.55 -15.00 -32.76
C GLY B 5 -24.18 -15.36 -31.32
N PRO B 6 -24.01 -14.35 -30.47
CA PRO B 6 -23.66 -14.51 -29.06
C PRO B 6 -24.87 -14.89 -28.21
N GLY B 8 -28.06 -15.23 -25.72
CA GLY B 8 -29.13 -14.32 -25.35
C GLY B 8 -29.09 -14.01 -23.87
N PRO B 9 -29.91 -13.04 -23.44
CA PRO B 9 -29.98 -12.66 -22.02
C PRO B 9 -30.82 -13.64 -21.22
N GLY B 11 -33.75 -15.22 -18.78
CA GLY B 11 -35.17 -15.00 -18.70
C GLY B 11 -35.58 -14.39 -17.37
N PRO B 12 -36.87 -14.10 -17.20
CA PRO B 12 -37.42 -13.56 -15.96
C PRO B 12 -37.56 -14.65 -14.89
N GLY B 14 -39.41 -17.33 -12.31
CA GLY B 14 -40.54 -18.23 -12.43
C GLY B 14 -41.64 -17.92 -11.44
N LYS B 15 -42.67 -18.76 -11.41
CA LYS B 15 -43.82 -18.53 -10.56
C LYS B 15 -43.51 -18.79 -9.08
N LEU B 16 -44.29 -18.17 -8.20
CA LEU B 16 -44.19 -18.37 -6.76
C LEU B 16 -44.36 -19.84 -6.39
N GLY B 17 -43.57 -20.32 -5.43
CA GLY B 17 -43.64 -21.70 -5.00
C GLY B 17 -44.92 -22.04 -4.24
N PRO B 18 -45.19 -23.34 -4.07
CA PRO B 18 -46.38 -23.81 -3.36
C PRO B 18 -46.25 -23.62 -1.85
N GLY B 20 -46.04 -24.25 2.07
CA GLY B 20 -45.41 -25.35 2.80
C GLY B 20 -46.37 -26.24 3.55
N PRO B 21 -45.85 -27.31 4.16
CA PRO B 21 -46.65 -28.26 4.95
C PRO B 21 -47.23 -27.60 6.20
N GLY B 23 -47.97 -27.02 10.23
CA GLY B 23 -47.10 -27.05 11.39
C GLY B 23 -47.26 -28.29 12.26
N PRO B 24 -46.33 -28.48 13.21
CA PRO B 24 -46.35 -29.59 14.18
C PRO B 24 -47.45 -29.42 15.22
N GLY B 26 -48.38 -29.26 19.71
CA GLY B 26 -47.84 -28.71 20.94
C GLY B 26 -48.30 -27.30 21.21
N GLY C 5 -27.84 -17.36 -32.46
CA GLY C 5 -27.10 -17.78 -31.28
C GLY C 5 -27.93 -18.57 -30.29
N PRO C 6 -27.28 -19.09 -29.23
CA PRO C 6 -27.94 -19.86 -28.17
C PRO C 6 -28.91 -19.00 -27.38
N GLY C 8 -30.85 -17.48 -24.20
CA GLY C 8 -30.31 -17.11 -22.91
C GLY C 8 -30.53 -18.17 -21.84
N PRO C 9 -29.71 -18.13 -20.78
CA PRO C 9 -29.89 -19.06 -19.66
C PRO C 9 -31.24 -18.84 -19.01
N GLY C 11 -34.19 -18.12 -16.41
CA GLY C 11 -34.25 -17.13 -15.35
C GLY C 11 -34.05 -17.69 -13.97
N PRO C 12 -34.01 -16.82 -12.96
CA PRO C 12 -33.88 -17.28 -11.56
C PRO C 12 -35.15 -17.97 -11.13
N GLY C 14 -38.48 -19.07 -8.94
CA GLY C 14 -39.54 -18.28 -8.34
C GLY C 14 -39.32 -18.04 -6.86
N LYS C 15 -40.10 -17.12 -6.28
CA LYS C 15 -39.96 -16.78 -4.88
C LYS C 15 -40.36 -17.95 -3.98
N LEU C 16 -39.83 -17.95 -2.76
CA LEU C 16 -40.14 -18.98 -1.78
C LEU C 16 -41.63 -19.03 -1.49
N GLY C 17 -42.20 -20.23 -1.46
CA GLY C 17 -43.60 -20.41 -1.13
C GLY C 17 -43.91 -19.90 0.25
N PRO C 18 -45.18 -19.51 0.49
CA PRO C 18 -45.60 -19.04 1.81
C PRO C 18 -45.59 -20.18 2.83
N GLY C 20 -46.91 -22.80 5.66
CA GLY C 20 -48.15 -23.56 5.74
C GLY C 20 -49.05 -23.08 6.87
N PRO C 21 -50.20 -23.74 7.05
CA PRO C 21 -51.13 -23.39 8.13
C PRO C 21 -50.61 -23.87 9.48
N GLY C 23 -50.68 -25.95 13.07
CA GLY C 23 -50.92 -27.37 13.24
C GLY C 23 -51.90 -27.75 14.34
N PRO C 24 -52.04 -29.06 14.59
CA PRO C 24 -52.88 -29.68 15.63
C PRO C 24 -52.30 -29.45 17.03
N GLY C 26 -51.22 -31.63 20.57
CA GLY C 26 -51.10 -32.83 21.39
C GLY C 26 -51.47 -32.55 22.83
N GLY D 2 -22.99 -13.03 -35.42
CA GLY D 2 -24.27 -13.19 -36.08
C GLY D 2 -25.43 -12.76 -35.21
N PRO D 3 -26.63 -13.29 -35.49
CA PRO D 3 -27.84 -12.96 -34.73
C PRO D 3 -27.80 -13.57 -33.34
N GLY D 5 -28.89 -14.97 -29.59
CA GLY D 5 -29.97 -15.83 -29.15
C GLY D 5 -31.09 -15.07 -28.48
N PRO D 6 -32.28 -15.68 -28.41
CA PRO D 6 -33.46 -15.07 -27.77
C PRO D 6 -33.28 -15.03 -26.25
N GLY D 8 -33.84 -16.07 -22.67
CA GLY D 8 -34.16 -17.39 -22.17
C GLY D 8 -35.54 -17.53 -21.55
N PRO D 9 -35.94 -18.77 -21.23
CA PRO D 9 -37.23 -19.04 -20.59
C PRO D 9 -37.22 -18.59 -19.14
N GLY D 11 -37.43 -18.91 -15.08
CA GLY D 11 -36.88 -19.92 -14.21
C GLY D 11 -37.91 -20.90 -13.67
N PRO D 12 -37.44 -21.94 -12.97
CA PRO D 12 -38.33 -22.92 -12.33
C PRO D 12 -39.17 -22.25 -11.25
N GLY D 14 -40.75 -21.54 -7.54
CA GLY D 14 -40.13 -21.55 -6.24
C GLY D 14 -40.34 -22.86 -5.49
N LYS D 15 -39.51 -23.10 -4.49
CA LYS D 15 -39.63 -24.33 -3.70
C LYS D 15 -40.77 -24.23 -2.70
N LEU D 16 -41.07 -25.33 -2.04
CA LEU D 16 -42.11 -25.37 -1.00
C LEU D 16 -41.79 -24.38 0.11
N GLY D 17 -42.83 -23.77 0.67
CA GLY D 17 -42.64 -22.86 1.79
C GLY D 17 -42.25 -23.62 3.03
N PRO D 18 -41.84 -22.89 4.08
CA PRO D 18 -41.52 -23.55 5.35
C PRO D 18 -42.79 -24.09 5.99
N GLY D 20 -45.77 -24.62 8.60
CA GLY D 20 -46.49 -23.63 9.38
C GLY D 20 -46.09 -23.61 10.84
N PRO D 21 -46.62 -22.64 11.60
CA PRO D 21 -46.36 -22.56 13.04
C PRO D 21 -47.05 -23.71 13.78
N GLY D 23 -49.53 -25.52 16.67
CA GLY D 23 -50.87 -25.20 17.15
C GLY D 23 -50.88 -24.99 18.64
N PRO D 24 -52.09 -24.81 19.22
CA PRO D 24 -52.23 -24.63 20.68
C PRO D 24 -52.02 -25.94 21.42
#